data_3L6N
#
_entry.id   3L6N
#
_cell.length_a   77.599
_cell.length_b   74.313
_cell.length_c   47.374
_cell.angle_alpha   90.00
_cell.angle_beta   99.38
_cell.angle_gamma   90.00
#
_symmetry.space_group_name_H-M   'C 1 2 1'
#
loop_
_entity.id
_entity.type
_entity.pdbx_description
1 polymer metallo-beta-lactamase
2 non-polymer 'ZINC ION'
3 non-polymer 'SULFATE ION'
4 water water
#
_entity_poly.entity_id   1
_entity_poly.type   'polypeptide(L)'
_entity_poly.pdbx_seq_one_letter_code
;QVKDFVIEPPIKNNLHIYKTFGVFGGKEYSANSMYLVTKKGVVLFDVPWEKVQYQSLMDTIKKRHNLPVVAVFATHSHDD
RAGDLSFFNNKGIKTYATAKTNEFLKKDGKATSTEIIKTGKPYRIGGEEFVVDFLGEGHTADNVVVWFPKYNVLDGGCLV
KSNSATDLGYIKEANVEQWPKTINKLKAKYSKATLIIPGHDEWKGGGHVEHTLELLNKK
;
_entity_poly.pdbx_strand_id   A
#
# COMPACT_ATOMS: atom_id res chain seq x y z
N GLN A 1 17.50 4.32 -14.45
CA GLN A 1 16.07 4.07 -14.75
C GLN A 1 15.26 5.36 -14.82
N VAL A 2 14.46 5.51 -15.86
CA VAL A 2 13.67 6.73 -16.06
C VAL A 2 12.69 6.95 -14.90
N LYS A 3 12.61 8.19 -14.44
CA LYS A 3 11.71 8.54 -13.32
C LYS A 3 10.29 8.72 -13.84
N ASP A 4 9.60 7.60 -14.02
CA ASP A 4 8.26 7.60 -14.58
C ASP A 4 7.20 7.48 -13.49
N PHE A 5 7.63 7.39 -12.25
CA PHE A 5 6.65 7.36 -11.15
C PHE A 5 6.00 8.74 -10.96
N VAL A 6 4.79 8.72 -10.42
CA VAL A 6 3.95 9.91 -10.32
C VAL A 6 3.61 10.14 -8.86
N ILE A 7 4.02 11.30 -8.34
CA ILE A 7 3.61 11.69 -6.98
C ILE A 7 2.46 12.65 -7.16
N GLU A 8 1.31 12.27 -6.62
CA GLU A 8 0.09 13.06 -6.77
C GLU A 8 0.07 14.26 -5.81
N PRO A 9 -0.73 15.30 -6.12
CA PRO A 9 -0.87 16.39 -5.15
C PRO A 9 -1.36 15.83 -3.81
N PRO A 10 -0.73 16.24 -2.69
CA PRO A 10 -1.01 15.58 -1.43
C PRO A 10 -2.36 15.95 -0.82
N ILE A 11 -2.81 15.10 0.09
N ILE A 11 -2.81 15.09 0.08
CA ILE A 11 -3.97 15.39 0.91
CA ILE A 11 -3.96 15.36 0.94
C ILE A 11 -3.47 16.03 2.20
C ILE A 11 -3.42 16.06 2.19
N LYS A 12 -3.96 17.25 2.47
CA LYS A 12 -3.56 18.05 3.63
C LYS A 12 -2.03 18.05 3.88
N ASN A 13 -1.30 18.47 2.84
CA ASN A 13 0.14 18.76 2.93
C ASN A 13 1.02 17.50 2.90
N ASN A 14 0.72 16.54 3.76
CA ASN A 14 1.68 15.49 4.10
C ASN A 14 1.40 14.09 3.58
N LEU A 15 0.13 13.79 3.29
CA LEU A 15 -0.22 12.45 2.82
C LEU A 15 -0.22 12.39 1.29
N HIS A 16 0.66 11.54 0.76
CA HIS A 16 0.84 11.45 -0.69
C HIS A 16 0.46 10.10 -1.25
N ILE A 17 -0.23 10.10 -2.39
CA ILE A 17 -0.43 8.92 -3.22
C ILE A 17 0.70 8.95 -4.22
N TYR A 18 1.38 7.83 -4.43
CA TYR A 18 2.34 7.75 -5.53
C TYR A 18 2.12 6.51 -6.38
N LYS A 19 2.32 6.67 -7.69
CA LYS A 19 2.04 5.57 -8.62
C LYS A 19 3.35 5.12 -9.22
N THR A 20 3.57 3.81 -9.26
CA THR A 20 4.73 3.24 -9.97
C THR A 20 4.27 2.20 -10.98
N PHE A 21 5.14 1.91 -11.94
CA PHE A 21 4.77 1.12 -13.10
C PHE A 21 5.69 -0.06 -13.26
N GLY A 22 5.14 -1.15 -13.80
CA GLY A 22 5.93 -2.33 -14.13
C GLY A 22 5.37 -3.01 -15.36
N VAL A 23 6.25 -3.60 -16.16
CA VAL A 23 5.84 -4.37 -17.34
C VAL A 23 5.78 -5.85 -17.00
N PHE A 24 4.63 -6.46 -17.26
CA PHE A 24 4.41 -7.88 -17.00
C PHE A 24 3.60 -8.42 -18.15
N GLY A 25 4.08 -9.53 -18.72
CA GLY A 25 3.39 -10.13 -19.87
C GLY A 25 3.13 -9.15 -21.01
N GLY A 26 4.13 -8.32 -21.31
CA GLY A 26 4.09 -7.43 -22.46
C GLY A 26 3.24 -6.17 -22.32
N LYS A 27 2.70 -5.96 -21.13
CA LYS A 27 1.84 -4.82 -20.86
C LYS A 27 2.32 -4.07 -19.63
N GLU A 28 2.18 -2.75 -19.63
CA GLU A 28 2.54 -1.97 -18.45
C GLU A 28 1.36 -1.83 -17.50
N TYR A 29 1.63 -2.03 -16.21
CA TYR A 29 0.61 -1.95 -15.16
C TYR A 29 1.03 -0.90 -14.13
N SER A 30 0.06 -0.38 -13.41
N SER A 30 0.07 -0.35 -13.40
CA SER A 30 0.29 0.63 -12.40
CA SER A 30 0.34 0.69 -12.41
C SER A 30 -0.03 0.05 -11.03
C SER A 30 -0.14 0.26 -11.03
N ALA A 31 0.68 0.52 -10.02
CA ALA A 31 0.35 0.21 -8.64
C ALA A 31 0.34 1.51 -7.87
N ASN A 32 -0.67 1.68 -7.01
CA ASN A 32 -0.76 2.86 -6.16
C ASN A 32 -0.25 2.56 -4.77
N SER A 33 0.71 3.36 -4.34
CA SER A 33 1.26 3.27 -2.98
C SER A 33 1.09 4.63 -2.34
N MET A 34 1.53 4.75 -1.08
CA MET A 34 1.41 6.04 -0.40
C MET A 34 2.68 6.36 0.36
N TYR A 35 2.89 7.64 0.62
CA TYR A 35 3.85 8.01 1.65
C TYR A 35 3.37 9.15 2.51
N LEU A 36 3.87 9.21 3.74
CA LEU A 36 3.41 10.21 4.70
C LEU A 36 4.60 10.99 5.23
N VAL A 37 4.59 12.31 5.03
CA VAL A 37 5.66 13.17 5.53
C VAL A 37 5.39 13.42 7.00
N THR A 38 6.42 13.24 7.83
CA THR A 38 6.30 13.51 9.27
C THR A 38 7.45 14.41 9.67
N LYS A 39 7.39 14.96 10.89
CA LYS A 39 8.48 15.79 11.40
C LYS A 39 9.82 15.05 11.57
N LYS A 40 9.76 13.72 11.60
CA LYS A 40 10.96 12.90 11.80
C LYS A 40 11.34 12.10 10.55
N GLY A 41 10.75 12.45 9.41
CA GLY A 41 11.08 11.76 8.17
C GLY A 41 9.85 11.19 7.50
N VAL A 42 10.07 10.50 6.39
CA VAL A 42 8.96 10.03 5.56
C VAL A 42 8.70 8.54 5.78
N VAL A 43 7.41 8.19 5.87
CA VAL A 43 7.00 6.79 6.02
C VAL A 43 6.43 6.32 4.67
N LEU A 44 6.99 5.24 4.11
CA LEU A 44 6.42 4.62 2.90
C LEU A 44 5.39 3.58 3.28
N PHE A 45 4.30 3.57 2.53
CA PHE A 45 3.31 2.50 2.57
C PHE A 45 3.34 1.78 1.25
N ASP A 46 4.03 0.64 1.27
CA ASP A 46 4.40 -0.14 0.08
C ASP A 46 5.44 0.59 -0.74
N VAL A 47 6.13 -0.19 -1.58
CA VAL A 47 7.36 0.28 -2.25
C VAL A 47 7.18 0.24 -3.76
N PRO A 48 8.06 0.95 -4.51
CA PRO A 48 7.95 0.85 -5.97
C PRO A 48 7.90 -0.58 -6.49
N TRP A 49 7.09 -0.79 -7.51
CA TRP A 49 6.91 -2.12 -8.10
C TRP A 49 8.24 -2.69 -8.59
N GLU A 50 9.07 -1.83 -9.17
CA GLU A 50 10.39 -2.22 -9.65
C GLU A 50 11.44 -1.83 -8.62
N LYS A 51 12.15 -2.82 -8.10
CA LYS A 51 13.24 -2.60 -7.14
C LYS A 51 14.34 -1.68 -7.64
N VAL A 52 14.53 -1.61 -8.97
CA VAL A 52 15.51 -0.67 -9.51
C VAL A 52 15.14 0.80 -9.28
N GLN A 53 13.92 1.06 -8.79
CA GLN A 53 13.48 2.44 -8.52
C GLN A 53 13.45 2.82 -7.04
N TYR A 54 13.91 1.93 -6.17
CA TYR A 54 13.88 2.23 -4.72
C TYR A 54 14.70 3.47 -4.39
N GLN A 55 15.96 3.48 -4.82
CA GLN A 55 16.84 4.63 -4.56
C GLN A 55 16.33 5.91 -5.23
N SER A 56 15.82 5.78 -6.46
N SER A 56 15.83 5.77 -6.45
CA SER A 56 15.27 6.91 -7.18
CA SER A 56 15.24 6.88 -7.20
C SER A 56 14.15 7.59 -6.39
C SER A 56 14.15 7.58 -6.40
N LEU A 57 13.25 6.78 -5.83
CA LEU A 57 12.14 7.32 -5.03
C LEU A 57 12.67 8.04 -3.80
N MET A 58 13.63 7.41 -3.11
N MET A 58 13.63 7.41 -3.11
CA MET A 58 14.23 8.03 -1.93
CA MET A 58 14.24 8.03 -1.93
C MET A 58 14.89 9.37 -2.27
C MET A 58 14.89 9.37 -2.27
N ASP A 59 15.61 9.41 -3.39
CA ASP A 59 16.23 10.66 -3.85
C ASP A 59 15.22 11.75 -4.16
N THR A 60 14.11 11.34 -4.79
CA THR A 60 13.04 12.27 -5.15
C THR A 60 12.40 12.85 -3.88
N ILE A 61 12.14 11.98 -2.91
CA ILE A 61 11.55 12.41 -1.64
C ILE A 61 12.50 13.35 -0.88
N LYS A 62 13.80 13.05 -0.88
CA LYS A 62 14.78 13.94 -0.25
C LYS A 62 14.80 15.33 -0.88
N LYS A 63 14.77 15.38 -2.21
CA LYS A 63 14.78 16.67 -2.92
C LYS A 63 13.48 17.46 -2.66
N ARG A 64 12.36 16.74 -2.62
CA ARG A 64 11.03 17.35 -2.46
C ARG A 64 10.82 17.88 -1.05
N HIS A 65 11.21 17.08 -0.06
CA HIS A 65 10.85 17.35 1.33
C HIS A 65 12.02 17.62 2.26
N ASN A 66 13.24 17.44 1.75
CA ASN A 66 14.47 17.56 2.57
C ASN A 66 14.51 16.58 3.75
N LEU A 67 13.82 15.46 3.56
CA LEU A 67 13.70 14.42 4.58
C LEU A 67 14.01 13.04 4.02
N PRO A 68 14.56 12.17 4.88
CA PRO A 68 14.84 10.79 4.51
C PRO A 68 13.61 9.93 4.72
N VAL A 69 13.59 8.77 4.07
CA VAL A 69 12.65 7.71 4.42
C VAL A 69 13.12 7.06 5.73
N VAL A 70 12.23 7.03 6.72
CA VAL A 70 12.58 6.50 8.04
C VAL A 70 11.80 5.25 8.43
N ALA A 71 10.79 4.87 7.63
CA ALA A 71 10.02 3.65 7.90
C ALA A 71 9.33 3.19 6.64
N VAL A 72 9.20 1.87 6.49
CA VAL A 72 8.47 1.29 5.36
C VAL A 72 7.48 0.29 5.92
N PHE A 73 6.20 0.48 5.61
CA PHE A 73 5.15 -0.46 6.00
C PHE A 73 4.64 -1.22 4.77
N ALA A 74 4.55 -2.55 4.89
CA ALA A 74 4.06 -3.39 3.78
C ALA A 74 2.63 -3.81 4.05
N THR A 75 1.77 -3.69 3.04
CA THR A 75 0.37 -4.06 3.20
C THR A 75 0.04 -5.49 2.76
N HIS A 76 1.02 -6.16 2.16
CA HIS A 76 1.09 -7.64 2.08
C HIS A 76 2.43 -8.05 1.47
N SER A 77 2.60 -9.35 1.20
CA SER A 77 3.93 -9.87 0.88
C SER A 77 4.39 -9.71 -0.56
N HIS A 78 3.49 -9.34 -1.45
CA HIS A 78 3.78 -9.33 -2.89
C HIS A 78 4.78 -8.26 -3.31
N ASP A 79 5.33 -8.44 -4.50
CA ASP A 79 6.39 -7.56 -5.03
C ASP A 79 6.04 -6.08 -5.11
N ASP A 80 4.76 -5.78 -5.35
CA ASP A 80 4.28 -4.40 -5.45
C ASP A 80 3.94 -3.81 -4.08
N ARG A 81 4.26 -4.54 -3.02
N ARG A 81 4.22 -4.56 -3.02
CA ARG A 81 3.89 -4.14 -1.67
CA ARG A 81 3.87 -4.15 -1.67
C ARG A 81 5.13 -4.16 -0.78
C ARG A 81 5.10 -4.16 -0.77
N ALA A 82 5.43 -5.31 -0.17
CA ALA A 82 6.69 -5.45 0.58
C ALA A 82 7.91 -5.32 -0.33
N GLY A 83 7.82 -5.85 -1.54
CA GLY A 83 8.98 -5.89 -2.44
C GLY A 83 10.15 -6.59 -1.77
N ASP A 84 11.34 -6.03 -1.97
CA ASP A 84 12.57 -6.58 -1.39
C ASP A 84 12.99 -5.69 -0.23
N LEU A 85 12.57 -6.08 0.97
CA LEU A 85 12.80 -5.27 2.16
C LEU A 85 14.28 -5.15 2.53
N SER A 86 15.13 -5.99 1.93
CA SER A 86 16.56 -5.95 2.25
C SER A 86 17.17 -4.61 1.88
N PHE A 87 16.65 -3.99 0.84
CA PHE A 87 17.14 -2.68 0.42
C PHE A 87 17.08 -1.69 1.58
N PHE A 88 15.95 -1.69 2.28
CA PHE A 88 15.73 -0.77 3.38
C PHE A 88 16.39 -1.26 4.67
N ASN A 89 16.29 -2.57 4.94
CA ASN A 89 16.95 -3.14 6.10
C ASN A 89 18.46 -2.84 6.10
N ASN A 90 19.08 -3.00 4.93
CA ASN A 90 20.53 -2.80 4.81
C ASN A 90 20.95 -1.36 5.10
N LYS A 91 20.04 -0.42 4.84
CA LYS A 91 20.29 0.99 5.11
C LYS A 91 19.85 1.42 6.52
N GLY A 92 19.42 0.46 7.35
CA GLY A 92 18.99 0.77 8.71
C GLY A 92 17.64 1.46 8.83
N ILE A 93 16.88 1.44 7.73
CA ILE A 93 15.52 1.97 7.72
C ILE A 93 14.60 0.90 8.27
N LYS A 94 13.87 1.22 9.33
CA LYS A 94 12.94 0.30 9.93
C LYS A 94 11.87 -0.14 8.93
N THR A 95 11.64 -1.44 8.86
CA THR A 95 10.59 -2.00 8.02
C THR A 95 9.55 -2.70 8.88
N TYR A 96 8.31 -2.64 8.42
CA TYR A 96 7.16 -3.10 9.22
C TYR A 96 6.27 -4.01 8.39
N ALA A 97 5.97 -5.17 8.95
CA ALA A 97 5.04 -6.12 8.33
C ALA A 97 4.36 -6.90 9.42
N THR A 98 3.19 -7.44 9.13
CA THR A 98 2.54 -8.34 10.08
C THR A 98 3.29 -9.68 10.16
N ALA A 99 3.03 -10.44 11.22
CA ALA A 99 3.58 -11.79 11.34
C ALA A 99 3.21 -12.65 10.12
N LYS A 100 1.96 -12.55 9.67
CA LYS A 100 1.50 -13.33 8.51
C LYS A 100 2.28 -12.98 7.24
N THR A 101 2.48 -11.69 7.03
CA THR A 101 3.19 -11.23 5.85
C THR A 101 4.64 -11.72 5.90
N ASN A 102 5.25 -11.65 7.07
CA ASN A 102 6.60 -12.16 7.24
C ASN A 102 6.70 -13.65 6.99
N GLU A 103 5.69 -14.41 7.41
CA GLU A 103 5.67 -15.85 7.15
C GLU A 103 5.65 -16.14 5.66
N PHE A 104 4.89 -15.33 4.91
CA PHE A 104 4.85 -15.47 3.45
C PHE A 104 6.19 -15.07 2.80
N LEU A 105 6.77 -13.96 3.25
CA LEU A 105 8.06 -13.53 2.73
C LEU A 105 9.13 -14.59 2.93
N LYS A 106 9.19 -15.14 4.15
CA LYS A 106 10.16 -16.17 4.47
C LYS A 106 9.95 -17.44 3.61
N LYS A 107 8.70 -17.88 3.51
CA LYS A 107 8.32 -19.02 2.67
C LYS A 107 8.76 -18.82 1.22
N ASP A 108 8.64 -17.58 0.75
CA ASP A 108 8.99 -17.26 -0.64
C ASP A 108 10.48 -16.91 -0.84
N GLY A 109 11.28 -17.03 0.21
CA GLY A 109 12.73 -16.78 0.13
C GLY A 109 13.13 -15.32 0.13
N LYS A 110 12.27 -14.48 0.67
CA LYS A 110 12.49 -13.02 0.64
C LYS A 110 12.84 -12.47 2.02
N ALA A 111 13.38 -11.25 2.05
CA ALA A 111 13.67 -10.58 3.31
C ALA A 111 12.39 -10.28 4.09
N THR A 112 12.50 -10.34 5.41
CA THR A 112 11.38 -10.04 6.30
C THR A 112 11.58 -8.67 6.95
N SER A 113 10.53 -8.16 7.60
CA SER A 113 10.61 -6.86 8.27
C SER A 113 11.43 -6.95 9.54
N THR A 114 11.90 -5.81 10.02
CA THR A 114 12.62 -5.78 11.30
C THR A 114 11.68 -5.46 12.47
N GLU A 115 10.49 -4.92 12.16
CA GLU A 115 9.49 -4.64 13.17
C GLU A 115 8.17 -5.32 12.81
N ILE A 116 7.41 -5.70 13.83
CA ILE A 116 6.17 -6.44 13.64
C ILE A 116 4.96 -5.54 13.88
N ILE A 117 4.10 -5.45 12.87
CA ILE A 117 2.90 -4.61 12.96
C ILE A 117 1.91 -5.15 14.00
N LYS A 118 1.45 -4.26 14.87
CA LYS A 118 0.32 -4.55 15.73
C LYS A 118 -0.93 -3.96 15.09
N THR A 119 -1.81 -4.83 14.59
CA THR A 119 -2.96 -4.35 13.87
C THR A 119 -3.99 -3.73 14.80
N GLY A 120 -4.65 -2.69 14.31
CA GLY A 120 -5.73 -2.05 15.05
C GLY A 120 -5.27 -1.08 16.10
N LYS A 121 -3.95 -0.91 16.25
CA LYS A 121 -3.39 0.02 17.23
C LYS A 121 -2.77 1.21 16.52
N PRO A 122 -2.99 2.42 17.07
CA PRO A 122 -2.36 3.60 16.48
C PRO A 122 -0.84 3.51 16.42
N TYR A 123 -0.28 3.92 15.29
N TYR A 123 -0.28 3.94 15.30
CA TYR A 123 1.14 4.22 15.16
CA TYR A 123 1.16 4.19 15.20
C TYR A 123 1.28 5.72 15.08
C TYR A 123 1.39 5.67 15.00
N ARG A 124 2.23 6.26 15.84
CA ARG A 124 2.50 7.70 15.84
C ARG A 124 3.97 7.94 15.61
N ILE A 125 4.27 8.74 14.57
CA ILE A 125 5.65 9.09 14.27
C ILE A 125 5.66 10.51 13.73
N GLY A 126 6.60 11.32 14.22
CA GLY A 126 6.76 12.69 13.76
C GLY A 126 5.50 13.54 13.72
N GLY A 127 4.61 13.34 14.69
CA GLY A 127 3.37 14.13 14.80
C GLY A 127 2.23 13.66 13.93
N GLU A 128 2.45 12.54 13.24
CA GLU A 128 1.43 11.93 12.38
C GLU A 128 0.93 10.63 13.01
N GLU A 129 -0.24 10.19 12.58
CA GLU A 129 -0.89 9.00 13.15
C GLU A 129 -1.56 8.16 12.08
N PHE A 130 -1.49 6.84 12.23
CA PHE A 130 -2.24 5.94 11.34
C PHE A 130 -2.49 4.61 12.03
N VAL A 131 -3.38 3.81 11.46
N VAL A 131 -3.36 3.79 11.46
CA VAL A 131 -3.71 2.49 12.00
CA VAL A 131 -3.64 2.48 12.05
C VAL A 131 -3.64 1.48 10.87
C VAL A 131 -3.76 1.42 10.96
N VAL A 132 -2.91 0.39 11.08
CA VAL A 132 -2.91 -0.71 10.12
C VAL A 132 -3.93 -1.73 10.61
N ASP A 133 -4.92 -2.03 9.76
CA ASP A 133 -6.04 -2.90 10.15
C ASP A 133 -6.08 -4.19 9.32
N PHE A 134 -6.31 -5.31 9.98
CA PHE A 134 -6.63 -6.55 9.29
C PHE A 134 -8.12 -6.80 9.38
N LEU A 135 -8.80 -6.75 8.25
CA LEU A 135 -10.27 -6.86 8.21
C LEU A 135 -10.73 -8.25 7.79
N GLY A 136 -9.77 -9.11 7.44
CA GLY A 136 -10.08 -10.40 6.87
C GLY A 136 -9.35 -10.67 5.58
N GLU A 137 -9.43 -11.91 5.12
CA GLU A 137 -8.78 -12.34 3.88
C GLU A 137 -9.49 -11.85 2.65
N GLY A 138 -8.76 -11.70 1.56
CA GLY A 138 -9.34 -11.25 0.31
C GLY A 138 -8.45 -11.50 -0.87
N HIS A 139 -7.81 -10.42 -1.34
CA HIS A 139 -6.81 -10.51 -2.39
C HIS A 139 -5.71 -11.51 -2.01
N THR A 140 -5.28 -11.47 -0.74
CA THR A 140 -4.44 -12.50 -0.15
C THR A 140 -4.90 -12.77 1.28
N ALA A 141 -4.28 -13.74 1.94
CA ALA A 141 -4.65 -14.07 3.32
C ALA A 141 -4.13 -13.03 4.31
N ASP A 142 -3.11 -12.27 3.88
CA ASP A 142 -2.40 -11.34 4.77
C ASP A 142 -2.69 -9.86 4.50
N ASN A 143 -3.53 -9.58 3.51
CA ASN A 143 -3.74 -8.17 3.15
C ASN A 143 -4.28 -7.32 4.31
N VAL A 144 -3.69 -6.15 4.47
CA VAL A 144 -4.12 -5.18 5.49
C VAL A 144 -4.40 -3.85 4.82
N VAL A 145 -5.15 -3.00 5.51
CA VAL A 145 -5.46 -1.64 5.05
C VAL A 145 -4.81 -0.64 6.03
N VAL A 146 -4.66 0.60 5.59
CA VAL A 146 -4.09 1.64 6.44
C VAL A 146 -5.03 2.83 6.53
N TRP A 147 -5.45 3.14 7.75
CA TRP A 147 -6.37 4.26 7.98
C TRP A 147 -5.61 5.47 8.49
N PHE A 148 -5.88 6.62 7.89
CA PHE A 148 -5.24 7.89 8.25
C PHE A 148 -6.30 8.84 8.82
N PRO A 149 -6.50 8.80 10.15
CA PRO A 149 -7.66 9.48 10.75
C PRO A 149 -7.72 10.98 10.55
N LYS A 150 -6.55 11.63 10.54
CA LYS A 150 -6.49 13.09 10.33
C LYS A 150 -6.72 13.52 8.87
N TYR A 151 -6.70 12.54 7.95
CA TYR A 151 -6.85 12.80 6.52
C TYR A 151 -8.15 12.25 5.94
N ASN A 152 -8.82 11.39 6.72
CA ASN A 152 -10.00 10.64 6.26
C ASN A 152 -9.73 9.85 4.98
N VAL A 153 -8.53 9.28 4.90
CA VAL A 153 -8.15 8.50 3.74
C VAL A 153 -7.86 7.07 4.19
N LEU A 154 -8.40 6.10 3.44
CA LEU A 154 -8.08 4.70 3.67
C LEU A 154 -7.23 4.20 2.52
N ASP A 155 -6.06 3.65 2.86
CA ASP A 155 -5.25 2.95 1.85
C ASP A 155 -5.79 1.53 1.81
N GLY A 156 -6.55 1.23 0.77
CA GLY A 156 -7.22 -0.06 0.62
C GLY A 156 -6.29 -1.18 0.18
N GLY A 157 -5.22 -0.79 -0.52
CA GLY A 157 -4.32 -1.76 -1.13
C GLY A 157 -5.06 -2.66 -2.10
N CYS A 158 -4.52 -3.84 -2.31
N CYS A 158 -4.48 -3.82 -2.37
CA CYS A 158 -5.00 -4.68 -3.39
CA CYS A 158 -5.02 -4.70 -3.41
C CYS A 158 -6.26 -5.45 -3.00
C CYS A 158 -6.31 -5.42 -3.02
N LEU A 159 -6.68 -5.32 -1.74
CA LEU A 159 -7.99 -5.78 -1.28
C LEU A 159 -9.11 -5.02 -2.01
N VAL A 160 -8.83 -3.77 -2.36
CA VAL A 160 -9.79 -2.92 -3.06
C VAL A 160 -9.40 -2.78 -4.52
N LYS A 161 -10.30 -3.23 -5.40
CA LYS A 161 -10.15 -3.05 -6.84
C LYS A 161 -10.59 -1.65 -7.26
N SER A 162 -9.94 -1.14 -8.31
CA SER A 162 -10.27 0.16 -8.90
C SER A 162 -11.59 0.09 -9.66
N ASN A 163 -12.34 1.18 -9.62
CA ASN A 163 -13.51 1.38 -10.47
C ASN A 163 -13.24 1.10 -11.96
N SER A 164 -11.97 1.19 -12.36
N SER A 164 -11.96 1.18 -12.34
CA SER A 164 -11.57 0.97 -13.75
CA SER A 164 -11.52 1.00 -13.73
C SER A 164 -11.24 -0.49 -14.08
C SER A 164 -11.04 -0.43 -14.07
N ALA A 165 -10.97 -1.30 -13.06
CA ALA A 165 -10.57 -2.69 -13.27
C ALA A 165 -11.68 -3.48 -13.97
N THR A 166 -11.31 -4.39 -14.85
CA THR A 166 -12.32 -5.20 -15.58
C THR A 166 -12.32 -6.67 -15.15
N ASP A 167 -11.36 -7.03 -14.30
CA ASP A 167 -11.38 -8.33 -13.62
C ASP A 167 -10.68 -8.23 -12.26
N LEU A 168 -10.60 -9.35 -11.55
CA LEU A 168 -10.05 -9.36 -10.19
C LEU A 168 -8.53 -9.33 -10.14
N GLY A 169 -7.89 -9.52 -11.28
CA GLY A 169 -6.43 -9.57 -11.37
C GLY A 169 -5.90 -10.87 -10.83
N TYR A 170 -4.71 -10.81 -10.21
CA TYR A 170 -4.04 -12.01 -9.73
C TYR A 170 -4.76 -12.61 -8.53
N ILE A 171 -5.36 -13.78 -8.73
CA ILE A 171 -6.20 -14.41 -7.72
C ILE A 171 -5.72 -15.79 -7.23
N LYS A 172 -4.52 -16.19 -7.64
CA LYS A 172 -3.99 -17.51 -7.27
C LYS A 172 -3.84 -17.68 -5.76
N GLU A 173 -3.63 -16.57 -5.06
CA GLU A 173 -3.43 -16.61 -3.60
C GLU A 173 -4.56 -15.90 -2.87
N ALA A 174 -5.68 -15.72 -3.56
CA ALA A 174 -6.84 -15.04 -3.02
C ALA A 174 -7.76 -15.99 -2.26
N ASN A 175 -8.54 -15.42 -1.36
CA ASN A 175 -9.63 -16.13 -0.73
C ASN A 175 -10.91 -15.48 -1.24
N VAL A 176 -11.41 -15.97 -2.38
CA VAL A 176 -12.54 -15.32 -3.05
C VAL A 176 -13.86 -15.44 -2.27
N GLU A 177 -14.01 -16.53 -1.51
CA GLU A 177 -15.19 -16.71 -0.66
C GLU A 177 -15.25 -15.67 0.47
N GLN A 178 -14.10 -15.37 1.08
CA GLN A 178 -14.04 -14.39 2.17
C GLN A 178 -13.98 -12.93 1.71
N TRP A 179 -13.48 -12.72 0.49
CA TRP A 179 -13.20 -11.39 -0.02
C TRP A 179 -14.40 -10.41 0.09
N PRO A 180 -15.62 -10.80 -0.40
CA PRO A 180 -16.73 -9.85 -0.29
C PRO A 180 -17.13 -9.56 1.16
N LYS A 181 -16.98 -10.56 2.03
CA LYS A 181 -17.25 -10.39 3.46
C LYS A 181 -16.27 -9.40 4.05
N THR A 182 -15.00 -9.51 3.68
CA THR A 182 -13.98 -8.56 4.13
C THR A 182 -14.29 -7.15 3.61
N ILE A 183 -14.68 -7.05 2.34
CA ILE A 183 -15.04 -5.75 1.74
C ILE A 183 -16.27 -5.13 2.43
N ASN A 184 -17.25 -5.95 2.76
CA ASN A 184 -18.44 -5.43 3.45
C ASN A 184 -18.13 -4.96 4.86
N LYS A 185 -17.18 -5.63 5.51
CA LYS A 185 -16.66 -5.16 6.81
C LYS A 185 -15.94 -3.82 6.66
N LEU A 186 -15.15 -3.67 5.59
CA LEU A 186 -14.46 -2.42 5.29
C LEU A 186 -15.47 -1.29 5.09
N LYS A 187 -16.46 -1.56 4.24
CA LYS A 187 -17.52 -0.62 3.86
C LYS A 187 -18.28 -0.11 5.08
N ALA A 188 -18.49 -1.00 6.04
CA ALA A 188 -19.20 -0.67 7.28
C ALA A 188 -18.33 0.11 8.27
N LYS A 189 -17.03 -0.19 8.28
CA LYS A 189 -16.11 0.39 9.26
C LYS A 189 -15.61 1.78 8.90
N TYR A 190 -15.38 2.04 7.62
CA TYR A 190 -14.76 3.31 7.19
C TYR A 190 -15.73 4.21 6.45
N SER A 191 -16.87 4.47 7.09
CA SER A 191 -17.84 5.42 6.57
C SER A 191 -17.28 6.85 6.56
N LYS A 192 -16.35 7.15 7.48
CA LYS A 192 -15.71 8.46 7.56
C LYS A 192 -14.70 8.72 6.42
N ALA A 193 -14.31 7.66 5.71
CA ALA A 193 -13.34 7.78 4.61
C ALA A 193 -13.94 8.54 3.43
N THR A 194 -13.28 9.61 3.04
CA THR A 194 -13.71 10.38 1.88
C THR A 194 -12.89 10.02 0.65
N LEU A 195 -11.87 9.19 0.87
CA LEU A 195 -11.02 8.71 -0.22
C LEU A 195 -10.51 7.32 0.15
N ILE A 196 -10.72 6.38 -0.76
CA ILE A 196 -10.20 5.01 -0.57
C ILE A 196 -9.28 4.70 -1.75
N ILE A 197 -8.03 4.36 -1.46
CA ILE A 197 -7.04 4.13 -2.51
C ILE A 197 -7.01 2.64 -2.85
N PRO A 198 -7.33 2.29 -4.10
CA PRO A 198 -7.16 0.91 -4.57
C PRO A 198 -5.70 0.61 -4.91
N GLY A 199 -5.31 -0.65 -4.78
CA GLY A 199 -3.91 -1.04 -5.00
C GLY A 199 -3.38 -0.83 -6.41
N HIS A 200 -4.25 -1.00 -7.40
N HIS A 200 -4.23 -1.05 -7.41
CA HIS A 200 -3.85 -0.93 -8.81
CA HIS A 200 -3.82 -0.89 -8.80
C HIS A 200 -4.81 -0.06 -9.61
C HIS A 200 -4.78 0.02 -9.57
N ASP A 201 -4.32 0.45 -10.74
CA ASP A 201 -5.15 1.18 -11.72
C ASP A 201 -5.59 2.54 -11.21
N GLU A 202 -6.71 3.05 -11.70
CA GLU A 202 -7.19 4.39 -11.35
C GLU A 202 -7.61 4.51 -9.89
N TRP A 203 -7.04 5.48 -9.17
CA TRP A 203 -7.45 5.76 -7.79
C TRP A 203 -8.50 6.85 -7.69
N LYS A 204 -8.61 7.69 -8.72
CA LYS A 204 -9.61 8.75 -8.76
C LYS A 204 -11.00 8.23 -9.10
N GLY A 205 -12.01 8.97 -8.68
CA GLY A 205 -13.38 8.74 -9.16
C GLY A 205 -14.33 8.05 -8.20
N GLY A 206 -13.79 7.44 -7.16
CA GLY A 206 -14.62 6.76 -6.16
C GLY A 206 -15.28 5.49 -6.69
N GLY A 207 -16.22 4.96 -5.91
CA GLY A 207 -16.94 3.75 -6.28
C GLY A 207 -16.10 2.49 -6.36
N HIS A 208 -14.91 2.52 -5.77
CA HIS A 208 -14.00 1.36 -5.80
C HIS A 208 -14.55 0.16 -5.04
N VAL A 209 -15.04 0.40 -3.83
CA VAL A 209 -15.61 -0.65 -2.99
C VAL A 209 -16.78 -1.36 -3.69
N GLU A 210 -17.72 -0.58 -4.24
CA GLU A 210 -18.87 -1.16 -4.91
C GLU A 210 -18.47 -1.92 -6.15
N HIS A 211 -17.47 -1.41 -6.87
CA HIS A 211 -17.01 -2.11 -8.05
C HIS A 211 -16.26 -3.41 -7.72
N THR A 212 -15.58 -3.43 -6.57
CA THR A 212 -14.93 -4.65 -6.09
C THR A 212 -15.96 -5.76 -5.89
N LEU A 213 -17.06 -5.43 -5.21
CA LEU A 213 -18.16 -6.37 -5.00
C LEU A 213 -18.76 -6.86 -6.33
N GLU A 214 -18.90 -5.94 -7.28
CA GLU A 214 -19.38 -6.31 -8.60
C GLU A 214 -18.46 -7.32 -9.32
N LEU A 215 -17.15 -7.06 -9.30
CA LEU A 215 -16.20 -7.96 -9.95
C LEU A 215 -16.16 -9.33 -9.29
N LEU A 216 -16.39 -9.36 -7.98
CA LEU A 216 -16.44 -10.60 -7.22
C LEU A 216 -17.66 -11.43 -7.60
N ASN A 217 -18.78 -10.74 -7.84
CA ASN A 217 -20.02 -11.40 -8.27
C ASN A 217 -19.93 -11.94 -9.70
N LYS A 218 -19.20 -11.24 -10.56
CA LYS A 218 -19.08 -11.62 -11.96
C LYS A 218 -18.08 -12.76 -12.14
#